data_1Y7L
#
_entry.id   1Y7L
#
_cell.length_a   112.569
_cell.length_b   112.569
_cell.length_c   45.799
_cell.angle_alpha   90.00
_cell.angle_beta   90.00
_cell.angle_gamma   90.00
#
_symmetry.space_group_name_H-M   'I 41'
#
loop_
_entity.id
_entity.type
_entity.pdbx_description
1 polymer 'O-acetylserine sulfhydrylase'
2 polymer 'decamer fragment of Serine acetyltransferase'
3 non-polymer 'SULFATE ION'
4 water water
#
loop_
_entity_poly.entity_id
_entity_poly.type
_entity_poly.pdbx_seq_one_letter_code
_entity_poly.pdbx_strand_id
1 'polypeptide(L)'
;MAIYADNSYSIGNTPLVRLKHFGHNGNVVVKIEGRNPSYSV(LLP)CRIGANMVWQAEKDGTLTKGKEIVDATSGNTGIA
LAYVAAARGYKITLTMPETMSLERKRLLCGLGVNLVLTEGAKGMKGAIAKAEEIVASDPSRYVMLKQFENPANPQIHRET
TGPEIWKDTDGKVDVVVAGVGTGGSITGISRAIKLDFGKQITSVAVEPVESPVISQTLAGEEVKPGPHKIQGIGAGFIPK
NLDLSIIDRVETVDSDTALATARRLMAEEGILAGISSGAAVAAADRLAKLPEFADKLIVVILPSASERYLSTALFEGIEG
;
A
2 'polypeptide(L)' GIDDGMNLNI P
#
# COMPACT_ATOMS: atom_id res chain seq x y z
N ALA A 2 24.99 -2.40 12.44
CA ALA A 2 23.60 -2.21 11.97
C ALA A 2 23.17 -0.75 12.21
N ILE A 3 23.89 0.16 11.60
CA ILE A 3 23.57 1.58 11.72
C ILE A 3 23.22 2.03 10.31
N TYR A 4 21.97 2.43 10.10
CA TYR A 4 21.51 2.85 8.78
C TYR A 4 22.04 4.24 8.45
N ALA A 5 22.52 4.40 7.21
CA ALA A 5 23.11 5.66 6.77
C ALA A 5 22.10 6.81 6.73
N ASP A 6 20.83 6.48 6.53
CA ASP A 6 19.75 7.47 6.57
C ASP A 6 18.48 6.66 6.81
N ASN A 7 17.38 7.35 7.11
CA ASN A 7 16.13 6.69 7.46
C ASN A 7 15.48 5.87 6.36
N SER A 8 15.89 6.07 5.12
CA SER A 8 15.27 5.30 4.04
C SER A 8 15.73 3.85 4.08
N TYR A 9 16.89 3.61 4.67
CA TYR A 9 17.41 2.24 4.74
C TYR A 9 16.84 1.42 5.86
N SER A 10 16.05 2.04 6.75
CA SER A 10 15.49 1.32 7.90
C SER A 10 14.13 0.68 7.62
N ILE A 11 13.72 0.66 6.35
CA ILE A 11 12.43 0.11 5.96
C ILE A 11 12.30 -1.37 6.24
N GLY A 12 11.07 -1.82 6.39
CA GLY A 12 10.81 -3.24 6.54
C GLY A 12 11.16 -3.99 7.81
N ASN A 13 11.37 -5.30 7.63
CA ASN A 13 11.66 -6.21 8.72
C ASN A 13 10.53 -6.04 9.73
N THR A 14 9.31 -5.98 9.20
CA THR A 14 8.10 -5.83 10.00
C THR A 14 7.70 -7.17 10.62
N PRO A 15 7.08 -7.15 11.81
CA PRO A 15 6.68 -8.37 12.51
C PRO A 15 5.41 -9.10 12.09
N LEU A 16 5.41 -10.41 12.34
CA LEU A 16 4.26 -11.24 12.09
C LEU A 16 3.68 -11.51 13.47
N VAL A 17 2.38 -11.28 13.63
CA VAL A 17 1.73 -11.53 14.90
C VAL A 17 0.52 -12.43 14.67
N ARG A 18 0.39 -13.48 15.47
CA ARG A 18 -0.74 -14.40 15.34
C ARG A 18 -2.01 -13.80 15.97
N LEU A 19 -3.12 -13.87 15.26
CA LEU A 19 -4.37 -13.34 15.80
C LEU A 19 -5.05 -14.36 16.71
N LYS A 20 -5.63 -13.88 17.79
CA LYS A 20 -6.29 -14.74 18.75
C LYS A 20 -7.80 -14.78 18.60
N HIS A 21 -8.38 -13.70 18.06
CA HIS A 21 -9.82 -13.60 17.90
C HIS A 21 -10.32 -13.59 16.47
N PHE A 22 -9.47 -14.10 15.58
CA PHE A 22 -9.79 -14.25 14.18
C PHE A 22 -9.21 -15.59 13.77
N GLY A 23 -9.68 -16.11 12.65
CA GLY A 23 -9.16 -17.39 12.16
C GLY A 23 -9.65 -18.61 12.92
N HIS A 24 -9.09 -19.75 12.56
CA HIS A 24 -9.42 -21.02 13.16
C HIS A 24 -8.14 -21.65 13.70
N ASN A 25 -8.08 -21.83 15.02
CA ASN A 25 -6.89 -22.41 15.65
C ASN A 25 -5.60 -21.65 15.29
N GLY A 26 -5.64 -20.32 15.31
CA GLY A 26 -4.44 -19.54 15.01
C GLY A 26 -3.90 -19.58 13.59
N ASN A 27 -4.74 -19.89 12.60
CA ASN A 27 -4.26 -19.95 11.22
C ASN A 27 -4.13 -18.59 10.53
N VAL A 28 -4.42 -17.50 11.25
CA VAL A 28 -4.28 -16.17 10.66
C VAL A 28 -3.19 -15.40 11.38
N VAL A 29 -2.21 -14.97 10.61
CA VAL A 29 -1.08 -14.21 11.10
C VAL A 29 -1.02 -12.92 10.31
N VAL A 30 -0.78 -11.80 11.00
CA VAL A 30 -0.71 -10.53 10.30
C VAL A 30 0.71 -9.95 10.21
N LYS A 31 1.00 -9.26 9.10
CA LYS A 31 2.30 -8.62 8.94
C LYS A 31 2.01 -7.15 9.09
N ILE A 32 2.55 -6.57 10.16
CA ILE A 32 2.28 -5.17 10.50
C ILE A 32 3.17 -4.13 9.79
N GLU A 33 2.72 -3.64 8.64
CA GLU A 33 3.50 -2.66 7.89
C GLU A 33 3.41 -1.26 8.47
N GLY A 34 2.60 -1.10 9.51
CA GLY A 34 2.51 0.19 10.17
C GLY A 34 3.78 0.38 11.00
N ARG A 35 4.52 -0.70 11.19
CA ARG A 35 5.77 -0.67 11.96
C ARG A 35 6.89 -0.30 11.02
N ASN A 36 6.73 0.85 10.39
CA ASN A 36 7.67 1.33 9.41
C ASN A 36 7.82 2.83 9.52
N PRO A 37 8.83 3.38 8.85
CA PRO A 37 9.07 4.82 8.82
C PRO A 37 7.83 5.36 8.09
N SER A 38 7.30 6.50 8.50
CA SER A 38 6.15 7.05 7.78
C SER A 38 4.85 6.24 8.06
N TYR A 39 4.97 5.21 8.90
CA TYR A 39 3.84 4.36 9.33
C TYR A 39 3.02 3.54 8.32
N SER A 40 3.62 3.18 7.21
CA SER A 40 2.90 2.37 6.23
C SER A 40 3.85 1.66 5.29
N VAL A 41 3.28 0.67 4.60
CA VAL A 41 3.96 -0.15 3.61
C VAL A 41 4.61 0.71 2.53
N CYS A 43 6.54 3.09 2.66
CA CYS A 43 7.91 3.49 2.91
C CYS A 43 8.85 2.65 2.03
N ARG A 44 8.46 1.40 1.79
CA ARG A 44 9.28 0.50 0.98
C ARG A 44 9.38 0.98 -0.46
N ILE A 45 8.24 1.30 -1.07
CA ILE A 45 8.28 1.73 -2.46
C ILE A 45 8.77 3.16 -2.62
N GLY A 46 8.59 3.96 -1.57
CA GLY A 46 9.09 5.30 -1.66
C GLY A 46 10.62 5.22 -1.67
N ALA A 47 11.16 4.38 -0.78
CA ALA A 47 12.59 4.20 -0.74
C ALA A 47 13.13 3.61 -2.03
N ASN A 48 12.53 2.51 -2.51
CA ASN A 48 13.06 1.88 -3.71
C ASN A 48 12.85 2.62 -5.02
N MET A 49 11.79 3.40 -5.14
CA MET A 49 11.61 4.13 -6.39
C MET A 49 12.68 5.22 -6.45
N VAL A 50 13.02 5.81 -5.30
CA VAL A 50 14.06 6.84 -5.30
C VAL A 50 15.41 6.15 -5.55
N TRP A 51 15.68 5.05 -4.86
CA TRP A 51 16.96 4.37 -5.03
C TRP A 51 17.13 3.91 -6.47
N GLN A 52 16.08 3.37 -7.09
CA GLN A 52 16.20 2.90 -8.46
C GLN A 52 16.40 4.04 -9.44
N ALA A 53 15.75 5.18 -9.18
CA ALA A 53 15.91 6.34 -10.05
C ALA A 53 17.35 6.87 -9.95
N GLU A 54 17.96 6.69 -8.78
CA GLU A 54 19.34 7.12 -8.58
C GLU A 54 20.28 6.20 -9.36
N LYS A 55 20.06 4.88 -9.23
CA LYS A 55 20.88 3.91 -9.92
C LYS A 55 20.76 4.00 -11.44
N ASP A 56 19.57 4.29 -11.95
CA ASP A 56 19.45 4.36 -13.41
C ASP A 56 19.70 5.76 -13.99
N GLY A 57 20.10 6.70 -13.14
CA GLY A 57 20.41 8.04 -13.62
C GLY A 57 19.27 9.03 -13.86
N THR A 58 18.04 8.60 -13.64
CA THR A 58 16.89 9.48 -13.85
C THR A 58 16.77 10.51 -12.74
N LEU A 59 17.33 10.19 -11.58
CA LEU A 59 17.32 11.13 -10.45
C LEU A 59 18.77 11.39 -10.10
N THR A 60 19.17 12.65 -10.23
CA THR A 60 20.54 13.08 -9.92
C THR A 60 20.48 14.18 -8.88
N LYS A 61 21.63 14.56 -8.37
CA LYS A 61 21.72 15.62 -7.37
C LYS A 61 21.19 16.86 -8.10
N GLY A 62 20.28 17.59 -7.47
CA GLY A 62 19.77 18.78 -8.12
C GLY A 62 18.43 18.64 -8.84
N LYS A 63 18.09 17.47 -9.37
CA LYS A 63 16.77 17.32 -9.99
C LYS A 63 15.83 17.21 -8.80
N GLU A 64 14.55 17.48 -9.02
CA GLU A 64 13.53 17.45 -7.98
C GLU A 64 12.43 16.45 -8.25
N ILE A 65 11.83 15.94 -7.17
CA ILE A 65 10.75 14.99 -7.28
C ILE A 65 9.40 15.73 -7.32
N VAL A 66 8.48 15.23 -8.13
CA VAL A 66 7.15 15.83 -8.23
C VAL A 66 6.14 14.69 -8.24
N ASP A 67 5.03 14.87 -7.56
CA ASP A 67 3.98 13.87 -7.59
C ASP A 67 2.66 14.50 -7.17
N ALA A 68 1.58 13.74 -7.35
CA ALA A 68 0.25 14.22 -7.03
C ALA A 68 -0.40 13.39 -5.92
N THR A 69 0.39 12.66 -5.16
CA THR A 69 -0.18 11.89 -4.06
C THR A 69 0.16 12.56 -2.74
N SER A 70 -0.86 12.70 -1.90
CA SER A 70 -0.68 13.27 -0.58
C SER A 70 -1.18 12.20 0.38
N GLY A 71 -1.22 10.97 -0.13
CA GLY A 71 -1.64 9.83 0.67
C GLY A 71 -0.38 9.17 1.22
N ASN A 72 -0.44 7.89 1.56
CA ASN A 72 0.73 7.24 2.12
C ASN A 72 1.96 7.27 1.23
N THR A 73 1.77 7.23 -0.08
CA THR A 73 2.95 7.28 -0.94
C THR A 73 3.60 8.66 -0.90
N GLY A 74 2.81 9.72 -0.92
CA GLY A 74 3.37 11.05 -0.84
C GLY A 74 4.12 11.26 0.47
N ILE A 75 3.56 10.76 1.56
CA ILE A 75 4.23 10.89 2.84
C ILE A 75 5.56 10.12 2.79
N ALA A 76 5.55 8.93 2.20
CA ALA A 76 6.75 8.12 2.08
C ALA A 76 7.79 8.80 1.22
N LEU A 77 7.38 9.38 0.10
CA LEU A 77 8.33 10.07 -0.77
C LEU A 77 8.88 11.30 -0.03
N ALA A 78 8.03 11.96 0.75
CA ALA A 78 8.49 13.13 1.49
C ALA A 78 9.59 12.75 2.49
N TYR A 79 9.40 11.66 3.24
CA TYR A 79 10.42 11.24 4.20
C TYR A 79 11.71 10.85 3.48
N VAL A 80 11.61 10.04 2.44
CA VAL A 80 12.80 9.64 1.69
C VAL A 80 13.53 10.84 1.10
N ALA A 81 12.77 11.78 0.53
CA ALA A 81 13.37 12.99 -0.04
C ALA A 81 14.15 13.76 1.04
N ALA A 82 13.54 13.89 2.21
CA ALA A 82 14.21 14.62 3.31
C ALA A 82 15.46 13.84 3.71
N ALA A 83 15.31 12.53 3.90
CA ALA A 83 16.42 11.67 4.31
C ALA A 83 17.57 11.61 3.30
N ARG A 84 17.28 11.77 2.02
CA ARG A 84 18.34 11.69 1.04
C ARG A 84 18.74 13.00 0.39
N GLY A 85 18.12 14.09 0.82
CA GLY A 85 18.46 15.41 0.30
C GLY A 85 17.88 15.89 -1.00
N TYR A 86 16.65 15.49 -1.31
CA TYR A 86 16.00 15.91 -2.54
C TYR A 86 14.87 16.86 -2.29
N LYS A 87 14.71 17.78 -3.22
CA LYS A 87 13.58 18.70 -3.13
C LYS A 87 12.40 17.88 -3.64
N ILE A 88 11.21 18.17 -3.14
CA ILE A 88 10.03 17.46 -3.59
C ILE A 88 8.82 18.39 -3.52
N THR A 89 8.02 18.34 -4.58
CA THR A 89 6.80 19.13 -4.68
C THR A 89 5.67 18.13 -4.82
N LEU A 90 4.61 18.31 -4.03
CA LEU A 90 3.45 17.44 -4.12
C LEU A 90 2.24 18.31 -4.36
N THR A 91 1.45 17.95 -5.36
CA THR A 91 0.25 18.70 -5.63
C THR A 91 -0.87 18.00 -4.89
N MET A 92 -1.92 18.74 -4.57
CA MET A 92 -3.04 18.16 -3.84
C MET A 92 -4.20 19.14 -3.79
N PRO A 93 -5.43 18.62 -3.77
CA PRO A 93 -6.62 19.49 -3.70
C PRO A 93 -6.55 20.31 -2.42
N GLU A 94 -6.90 21.59 -2.53
CA GLU A 94 -6.88 22.49 -1.40
C GLU A 94 -7.79 22.02 -0.26
N THR A 95 -8.68 21.07 -0.56
CA THR A 95 -9.62 20.55 0.44
C THR A 95 -9.03 19.45 1.33
N MET A 96 -7.77 19.10 1.12
CA MET A 96 -7.16 18.08 1.96
C MET A 96 -7.08 18.64 3.39
N SER A 97 -6.98 17.77 4.40
CA SER A 97 -6.94 18.22 5.80
C SER A 97 -5.74 19.08 6.17
N LEU A 98 -5.95 19.94 7.16
CA LEU A 98 -4.89 20.83 7.61
C LEU A 98 -3.77 19.99 8.19
N GLU A 99 -4.17 18.90 8.85
CA GLU A 99 -3.21 17.99 9.45
C GLU A 99 -2.29 17.39 8.38
N ARG A 100 -2.86 16.92 7.27
CA ARG A 100 -2.05 16.32 6.19
C ARG A 100 -1.13 17.38 5.57
N LYS A 101 -1.65 18.60 5.42
CA LYS A 101 -0.84 19.69 4.88
C LYS A 101 0.33 20.00 5.80
N ARG A 102 0.04 20.11 7.10
CA ARG A 102 1.09 20.44 8.05
C ARG A 102 2.14 19.31 8.09
N LEU A 103 1.68 18.06 7.96
CA LEU A 103 2.62 16.96 7.97
C LEU A 103 3.57 17.02 6.77
N LEU A 104 3.01 17.21 5.56
CA LEU A 104 3.87 17.28 4.39
C LEU A 104 4.81 18.49 4.44
N CYS A 105 4.30 19.63 4.88
CA CYS A 105 5.15 20.81 4.98
C CYS A 105 6.24 20.58 6.03
N GLY A 106 5.88 19.90 7.12
CA GLY A 106 6.83 19.62 8.16
C GLY A 106 7.95 18.73 7.67
N LEU A 107 7.69 17.98 6.60
CA LEU A 107 8.68 17.07 6.04
C LEU A 107 9.54 17.77 4.99
N GLY A 108 9.26 19.04 4.73
CA GLY A 108 10.03 19.81 3.77
C GLY A 108 9.45 19.85 2.36
N VAL A 109 8.23 19.39 2.19
CA VAL A 109 7.58 19.39 0.88
C VAL A 109 7.12 20.76 0.40
N ASN A 110 7.33 21.02 -0.89
CA ASN A 110 6.83 22.25 -1.48
C ASN A 110 5.45 21.81 -1.91
N LEU A 111 4.46 22.24 -1.14
CA LEU A 111 3.07 21.83 -1.39
C LEU A 111 2.36 22.79 -2.34
N VAL A 112 1.80 22.24 -3.42
CA VAL A 112 1.07 23.04 -4.38
C VAL A 112 -0.39 22.64 -4.28
N LEU A 113 -1.23 23.58 -3.82
CA LEU A 113 -2.65 23.27 -3.67
C LEU A 113 -3.43 23.57 -4.93
N THR A 114 -4.26 22.61 -5.31
CA THR A 114 -5.06 22.74 -6.51
C THR A 114 -6.52 23.03 -6.17
N GLU A 115 -7.31 23.39 -7.18
CA GLU A 115 -8.71 23.76 -6.97
C GLU A 115 -9.53 22.60 -6.39
N GLY A 116 -10.19 22.88 -5.27
CA GLY A 116 -11.00 21.90 -4.58
C GLY A 116 -11.94 21.23 -5.54
N ALA A 117 -12.65 22.03 -6.32
CA ALA A 117 -13.61 21.49 -7.27
C ALA A 117 -13.04 20.53 -8.32
N LYS A 118 -11.73 20.55 -8.55
CA LYS A 118 -11.16 19.62 -9.54
C LYS A 118 -10.70 18.30 -8.94
N GLY A 119 -10.66 18.23 -7.62
CA GLY A 119 -10.23 17.02 -6.93
C GLY A 119 -8.88 16.43 -7.35
N MET A 120 -8.77 15.09 -7.31
CA MET A 120 -7.53 14.43 -7.70
C MET A 120 -7.18 14.62 -9.18
N LYS A 121 -8.19 14.88 -10.01
CA LYS A 121 -7.94 15.08 -11.43
C LYS A 121 -7.14 16.38 -11.57
N GLY A 122 -7.53 17.38 -10.79
CA GLY A 122 -6.84 18.66 -10.83
C GLY A 122 -5.40 18.55 -10.36
N ALA A 123 -5.18 17.88 -9.23
CA ALA A 123 -3.83 17.73 -8.72
C ALA A 123 -2.92 16.93 -9.66
N ILE A 124 -3.47 15.88 -10.27
CA ILE A 124 -2.68 15.07 -11.18
C ILE A 124 -2.30 15.86 -12.42
N ALA A 125 -3.25 16.63 -12.93
CA ALA A 125 -3.00 17.44 -14.11
C ALA A 125 -1.96 18.52 -13.80
N LYS A 126 -2.00 19.06 -12.58
CA LYS A 126 -1.05 20.10 -12.20
C LYS A 126 0.35 19.52 -12.05
N ALA A 127 0.47 18.31 -11.51
CA ALA A 127 1.78 17.69 -11.36
C ALA A 127 2.39 17.46 -12.75
N GLU A 128 1.58 17.00 -13.69
CA GLU A 128 2.03 16.75 -15.07
C GLU A 128 2.47 18.06 -15.71
N GLU A 129 1.75 19.14 -15.39
CA GLU A 129 2.04 20.47 -15.91
C GLU A 129 3.41 20.95 -15.43
N ILE A 130 3.68 20.74 -14.15
CA ILE A 130 4.95 21.13 -13.57
C ILE A 130 6.11 20.37 -14.22
N VAL A 131 5.97 19.05 -14.38
CA VAL A 131 7.04 18.28 -14.98
C VAL A 131 7.27 18.74 -16.44
N ALA A 132 6.17 18.93 -17.19
CA ALA A 132 6.24 19.35 -18.60
C ALA A 132 6.99 20.70 -18.78
N SER A 133 6.92 21.55 -17.76
CA SER A 133 7.57 22.86 -17.81
C SER A 133 9.11 22.81 -17.81
N ASP A 134 9.67 21.72 -17.27
CA ASP A 134 11.13 21.54 -17.24
C ASP A 134 11.39 20.07 -16.99
N PRO A 135 11.12 19.23 -18.00
CA PRO A 135 11.27 17.77 -17.99
C PRO A 135 12.65 17.29 -17.54
N SER A 136 13.66 18.16 -17.70
CA SER A 136 15.01 17.75 -17.32
C SER A 136 15.30 18.06 -15.86
N ARG A 137 14.37 18.76 -15.23
CA ARG A 137 14.52 19.17 -13.84
C ARG A 137 13.66 18.34 -12.88
N TYR A 138 12.48 17.96 -13.35
CA TYR A 138 11.52 17.21 -12.54
C TYR A 138 11.35 15.74 -12.85
N VAL A 139 11.17 14.93 -11.82
CA VAL A 139 10.95 13.50 -12.01
C VAL A 139 9.70 13.03 -11.27
N MET A 140 8.78 12.41 -12.00
CA MET A 140 7.57 11.89 -11.39
C MET A 140 7.78 10.37 -11.41
N LEU A 141 7.77 9.76 -10.23
CA LEU A 141 8.06 8.33 -10.09
C LEU A 141 6.96 7.33 -10.49
N LYS A 142 5.72 7.80 -10.63
CA LYS A 142 4.60 6.95 -11.09
C LYS A 142 4.42 5.60 -10.40
N GLN A 143 3.94 5.65 -9.17
CA GLN A 143 3.73 4.45 -8.36
C GLN A 143 2.83 3.34 -8.96
N PHE A 144 1.88 3.69 -9.82
CA PHE A 144 1.01 2.66 -10.36
C PHE A 144 1.66 1.83 -11.46
N GLU A 145 2.76 2.32 -12.03
CA GLU A 145 3.43 1.60 -13.10
C GLU A 145 4.93 1.40 -12.96
N ASN A 146 5.56 2.06 -11.98
CA ASN A 146 7.00 1.91 -11.78
C ASN A 146 7.34 0.51 -11.28
N PRO A 147 8.14 -0.26 -12.04
CA PRO A 147 8.47 -1.61 -11.57
C PRO A 147 9.23 -1.69 -10.24
N ALA A 148 9.84 -0.58 -9.82
CA ALA A 148 10.57 -0.56 -8.56
C ALA A 148 9.62 -0.75 -7.37
N ASN A 149 8.32 -0.61 -7.63
CA ASN A 149 7.30 -0.79 -6.60
C ASN A 149 7.21 -2.30 -6.30
N PRO A 150 6.69 -3.12 -7.25
CA PRO A 150 6.67 -4.54 -6.87
C PRO A 150 8.06 -5.14 -6.62
N GLN A 151 9.10 -4.59 -7.23
CA GLN A 151 10.44 -5.14 -7.02
C GLN A 151 10.88 -5.09 -5.56
N ILE A 152 10.60 -3.99 -4.85
CA ILE A 152 11.06 -3.94 -3.47
C ILE A 152 10.30 -4.96 -2.63
N HIS A 153 9.07 -5.27 -3.00
CA HIS A 153 8.29 -6.27 -2.27
C HIS A 153 8.81 -7.69 -2.57
N ARG A 154 9.36 -7.88 -3.77
CA ARG A 154 9.90 -9.17 -4.14
C ARG A 154 11.25 -9.38 -3.44
N GLU A 155 11.96 -8.29 -3.19
CA GLU A 155 13.26 -8.38 -2.52
C GLU A 155 13.23 -8.29 -1.00
N THR A 156 12.19 -7.70 -0.42
CA THR A 156 12.13 -7.58 1.02
C THR A 156 10.89 -8.17 1.68
N THR A 157 9.73 -7.59 1.42
CA THR A 157 8.48 -8.07 2.03
C THR A 157 8.26 -9.58 1.86
N GLY A 158 8.41 -10.06 0.63
CA GLY A 158 8.19 -11.47 0.37
C GLY A 158 9.18 -12.35 1.12
N PRO A 159 10.48 -12.08 0.97
CA PRO A 159 11.48 -12.89 1.68
C PRO A 159 11.28 -12.86 3.20
N GLU A 160 10.83 -11.72 3.73
CA GLU A 160 10.59 -11.60 5.17
C GLU A 160 9.49 -12.59 5.59
N ILE A 161 8.46 -12.71 4.75
CA ILE A 161 7.37 -13.64 5.07
C ILE A 161 7.90 -15.07 5.00
N TRP A 162 8.68 -15.36 3.96
CA TRP A 162 9.26 -16.68 3.82
C TRP A 162 10.10 -17.05 5.06
N LYS A 163 11.00 -16.14 5.42
CA LYS A 163 11.88 -16.33 6.56
C LYS A 163 11.14 -16.49 7.89
N ASP A 164 10.27 -15.54 8.21
CA ASP A 164 9.56 -15.59 9.48
C ASP A 164 8.58 -16.76 9.62
N THR A 165 8.17 -17.37 8.52
CA THR A 165 7.27 -18.54 8.60
C THR A 165 8.03 -19.83 8.33
N ASP A 166 9.35 -19.75 8.26
CA ASP A 166 10.18 -20.95 7.97
C ASP A 166 9.63 -21.67 6.73
N GLY A 167 9.15 -20.89 5.76
CA GLY A 167 8.62 -21.46 4.54
C GLY A 167 7.26 -22.12 4.64
N LYS A 168 6.58 -21.93 5.77
CA LYS A 168 5.29 -22.56 5.96
C LYS A 168 4.07 -21.77 5.47
N VAL A 169 4.27 -20.54 5.04
CA VAL A 169 3.17 -19.73 4.54
C VAL A 169 2.47 -20.48 3.40
N ASP A 170 1.14 -20.51 3.43
CA ASP A 170 0.33 -21.21 2.43
C ASP A 170 -0.55 -20.25 1.65
N VAL A 171 -0.91 -19.14 2.28
CA VAL A 171 -1.82 -18.17 1.68
C VAL A 171 -1.39 -16.77 2.03
N VAL A 172 -1.40 -15.87 1.06
CA VAL A 172 -1.09 -14.46 1.34
C VAL A 172 -2.30 -13.65 0.94
N VAL A 173 -2.78 -12.81 1.86
CA VAL A 173 -3.95 -11.98 1.61
C VAL A 173 -3.51 -10.52 1.66
N ALA A 174 -3.79 -9.78 0.59
CA ALA A 174 -3.38 -8.37 0.54
C ALA A 174 -4.33 -7.50 -0.25
N GLY A 175 -4.69 -6.36 0.32
CA GLY A 175 -5.54 -5.41 -0.38
C GLY A 175 -4.74 -4.83 -1.53
N VAL A 176 -5.40 -4.49 -2.62
CA VAL A 176 -4.74 -3.96 -3.81
C VAL A 176 -5.01 -2.48 -4.02
N GLY A 177 -3.95 -1.69 -4.08
CA GLY A 177 -4.04 -0.26 -4.32
C GLY A 177 -3.29 -0.12 -5.64
N THR A 178 -1.97 -0.16 -5.60
CA THR A 178 -1.16 -0.12 -6.82
C THR A 178 -0.92 -1.56 -7.28
N GLY A 179 -1.13 -2.51 -6.38
CA GLY A 179 -0.92 -3.92 -6.69
C GLY A 179 0.51 -4.40 -6.44
N GLY A 180 1.40 -3.48 -6.08
CA GLY A 180 2.80 -3.82 -5.83
C GLY A 180 3.05 -4.85 -4.75
N SER A 181 2.33 -4.73 -3.63
CA SER A 181 2.52 -5.66 -2.54
C SER A 181 2.19 -7.09 -2.92
N ILE A 182 0.98 -7.32 -3.40
CA ILE A 182 0.60 -8.69 -3.74
C ILE A 182 1.44 -9.24 -4.89
N THR A 183 1.81 -8.37 -5.83
CA THR A 183 2.61 -8.81 -6.97
C THR A 183 4.02 -9.21 -6.53
N GLY A 184 4.72 -8.32 -5.85
CA GLY A 184 6.08 -8.61 -5.41
C GLY A 184 6.16 -9.76 -4.43
N ILE A 185 5.23 -9.82 -3.48
CA ILE A 185 5.27 -10.90 -2.49
C ILE A 185 5.00 -12.24 -3.18
N SER A 186 4.04 -12.24 -4.08
CA SER A 186 3.69 -13.50 -4.76
C SER A 186 4.82 -13.96 -5.66
N ARG A 187 5.49 -13.03 -6.32
CA ARG A 187 6.59 -13.45 -7.19
C ARG A 187 7.70 -14.04 -6.35
N ALA A 188 7.97 -13.43 -5.20
CA ALA A 188 9.03 -13.93 -4.34
C ALA A 188 8.74 -15.34 -3.86
N ILE A 189 7.59 -15.54 -3.24
CA ILE A 189 7.27 -16.86 -2.71
C ILE A 189 7.05 -17.95 -3.76
N LYS A 190 6.30 -17.64 -4.82
CA LYS A 190 6.04 -18.62 -5.87
C LYS A 190 7.20 -18.88 -6.82
N LEU A 191 7.86 -17.81 -7.27
CA LEU A 191 8.93 -17.95 -8.23
C LEU A 191 10.33 -18.12 -7.65
N ASP A 192 10.69 -17.29 -6.68
CA ASP A 192 12.01 -17.36 -6.07
C ASP A 192 12.15 -18.48 -5.05
N PHE A 193 11.10 -18.74 -4.27
CA PHE A 193 11.16 -19.79 -3.26
C PHE A 193 10.42 -21.07 -3.68
N GLY A 194 9.74 -21.01 -4.82
CA GLY A 194 9.06 -22.18 -5.36
C GLY A 194 7.88 -22.81 -4.66
N LYS A 195 7.20 -22.07 -3.79
CA LYS A 195 6.04 -22.65 -3.11
C LYS A 195 4.74 -22.19 -3.77
N GLN A 196 3.89 -23.14 -4.17
CA GLN A 196 2.63 -22.83 -4.85
C GLN A 196 1.53 -22.43 -3.87
N ILE A 197 1.69 -21.25 -3.27
CA ILE A 197 0.73 -20.69 -2.31
C ILE A 197 -0.47 -20.12 -3.03
N THR A 198 -1.49 -19.74 -2.26
CA THR A 198 -2.70 -19.12 -2.79
C THR A 198 -2.57 -17.62 -2.52
N SER A 199 -2.53 -16.83 -3.58
CA SER A 199 -2.43 -15.38 -3.47
C SER A 199 -3.82 -14.80 -3.61
N VAL A 200 -4.24 -14.06 -2.59
CA VAL A 200 -5.58 -13.47 -2.55
C VAL A 200 -5.57 -11.95 -2.58
N ALA A 201 -6.14 -11.38 -3.63
CA ALA A 201 -6.24 -9.93 -3.72
C ALA A 201 -7.54 -9.54 -3.00
N VAL A 202 -7.56 -8.37 -2.38
CA VAL A 202 -8.74 -7.88 -1.69
C VAL A 202 -9.09 -6.51 -2.23
N GLU A 203 -10.38 -6.30 -2.51
CA GLU A 203 -10.85 -5.03 -3.03
C GLU A 203 -12.22 -4.68 -2.43
N PRO A 204 -12.63 -3.41 -2.52
CA PRO A 204 -13.93 -3.07 -1.95
C PRO A 204 -15.08 -3.62 -2.78
N VAL A 205 -16.12 -4.12 -2.12
CA VAL A 205 -17.27 -4.63 -2.85
C VAL A 205 -17.89 -3.44 -3.60
N GLU A 206 -17.61 -2.23 -3.13
CA GLU A 206 -18.15 -1.03 -3.77
C GLU A 206 -17.47 -0.65 -5.10
N SER A 207 -16.30 -1.21 -5.34
CA SER A 207 -15.54 -0.92 -6.55
C SER A 207 -14.75 -2.19 -6.83
N PRO A 208 -15.45 -3.29 -7.14
CA PRO A 208 -14.83 -4.60 -7.41
C PRO A 208 -14.32 -4.75 -8.83
N VAL A 209 -13.46 -3.82 -9.27
CA VAL A 209 -12.99 -3.88 -10.64
C VAL A 209 -12.16 -5.10 -11.03
N ILE A 210 -11.42 -5.67 -10.09
CA ILE A 210 -10.63 -6.87 -10.40
C ILE A 210 -11.61 -8.04 -10.57
N SER A 211 -12.60 -8.12 -9.68
CA SER A 211 -13.61 -9.18 -9.79
C SER A 211 -14.41 -9.04 -11.08
N GLN A 212 -14.81 -7.82 -11.41
CA GLN A 212 -15.57 -7.60 -12.62
C GLN A 212 -14.74 -7.97 -13.84
N THR A 213 -13.50 -7.49 -13.87
CA THR A 213 -12.58 -7.76 -14.97
C THR A 213 -12.38 -9.26 -15.21
N LEU A 214 -12.01 -9.99 -14.17
CA LEU A 214 -11.77 -11.42 -14.31
C LEU A 214 -13.02 -12.22 -14.65
N ALA A 215 -14.19 -11.68 -14.34
CA ALA A 215 -15.45 -12.36 -14.63
C ALA A 215 -15.96 -11.95 -16.02
N GLY A 216 -15.30 -10.98 -16.62
CA GLY A 216 -15.70 -10.52 -17.94
C GLY A 216 -16.96 -9.68 -17.88
N GLU A 217 -17.23 -9.12 -16.70
CA GLU A 217 -18.40 -8.28 -16.52
C GLU A 217 -18.05 -6.85 -16.83
N GLU A 218 -19.06 -5.99 -16.89
CA GLU A 218 -18.83 -4.60 -17.17
C GLU A 218 -18.13 -3.99 -15.95
N VAL A 219 -17.05 -3.28 -16.19
CA VAL A 219 -16.27 -2.63 -15.14
C VAL A 219 -17.01 -1.40 -14.68
N LYS A 220 -17.34 -1.39 -13.40
CA LYS A 220 -18.08 -0.30 -12.80
C LYS A 220 -17.46 0.13 -11.49
N PRO A 221 -16.50 1.06 -11.55
CA PRO A 221 -15.91 1.48 -10.27
C PRO A 221 -16.94 2.27 -9.50
N GLY A 222 -16.69 2.48 -8.22
CA GLY A 222 -17.62 3.22 -7.40
C GLY A 222 -16.90 3.77 -6.17
N PRO A 223 -17.55 4.67 -5.43
CA PRO A 223 -16.94 5.26 -4.24
C PRO A 223 -16.95 4.31 -3.05
N HIS A 224 -15.94 4.44 -2.21
CA HIS A 224 -15.86 3.60 -1.03
C HIS A 224 -14.97 4.31 -0.02
N LYS A 225 -14.93 3.77 1.18
CA LYS A 225 -14.18 4.39 2.25
C LYS A 225 -12.92 3.64 2.69
N ILE A 226 -12.58 2.54 2.01
CA ILE A 226 -11.38 1.80 2.39
C ILE A 226 -10.17 2.49 1.79
N GLN A 227 -9.69 3.56 2.45
CA GLN A 227 -8.54 4.28 1.89
C GLN A 227 -7.29 3.43 1.73
N GLY A 228 -6.66 3.59 0.57
CA GLY A 228 -5.45 2.83 0.29
C GLY A 228 -5.66 1.78 -0.79
N ILE A 229 -6.90 1.29 -0.94
CA ILE A 229 -7.18 0.28 -1.97
C ILE A 229 -8.34 0.71 -2.86
N GLY A 230 -8.71 -0.14 -3.81
CA GLY A 230 -9.81 0.17 -4.71
C GLY A 230 -9.60 1.42 -5.56
N ALA A 231 -8.55 1.45 -6.38
CA ALA A 231 -8.28 2.62 -7.22
C ALA A 231 -9.25 2.78 -8.39
N GLY A 232 -10.10 1.78 -8.63
CA GLY A 232 -11.06 1.87 -9.71
C GLY A 232 -10.60 1.48 -11.11
N PHE A 233 -9.42 0.87 -11.20
CA PHE A 233 -8.87 0.44 -12.48
C PHE A 233 -7.85 -0.63 -12.20
N ILE A 234 -7.34 -1.29 -13.23
CA ILE A 234 -6.33 -2.33 -13.02
C ILE A 234 -4.96 -1.69 -13.25
N PRO A 235 -4.18 -1.47 -12.18
CA PRO A 235 -2.85 -0.85 -12.34
C PRO A 235 -1.85 -1.78 -13.02
N LYS A 236 -0.87 -1.19 -13.69
CA LYS A 236 0.14 -1.97 -14.37
C LYS A 236 0.96 -2.76 -13.36
N ASN A 237 0.96 -2.31 -12.10
CA ASN A 237 1.71 -3.01 -11.07
C ASN A 237 0.95 -4.16 -10.39
N LEU A 238 -0.23 -4.48 -10.92
CA LEU A 238 -1.00 -5.61 -10.39
C LEU A 238 -0.80 -6.69 -11.44
N ASP A 239 -0.10 -7.75 -11.06
CA ASP A 239 0.15 -8.86 -11.96
C ASP A 239 -1.01 -9.83 -11.78
N LEU A 240 -2.04 -9.67 -12.60
CA LEU A 240 -3.22 -10.54 -12.51
C LEU A 240 -2.85 -12.02 -12.67
N SER A 241 -1.79 -12.30 -13.41
CA SER A 241 -1.38 -13.68 -13.62
C SER A 241 -1.01 -14.44 -12.36
N ILE A 242 -0.57 -13.74 -11.30
CA ILE A 242 -0.22 -14.44 -10.05
C ILE A 242 -1.31 -14.41 -9.00
N ILE A 243 -2.47 -13.83 -9.33
CA ILE A 243 -3.59 -13.79 -8.39
C ILE A 243 -4.44 -15.04 -8.55
N ASP A 244 -4.66 -15.76 -7.45
CA ASP A 244 -5.44 -16.99 -7.48
C ASP A 244 -6.88 -16.80 -7.09
N ARG A 245 -7.14 -15.77 -6.30
CA ARG A 245 -8.46 -15.53 -5.77
C ARG A 245 -8.67 -14.05 -5.48
N VAL A 246 -9.90 -13.56 -5.59
CA VAL A 246 -10.17 -12.17 -5.28
C VAL A 246 -11.33 -12.12 -4.31
N GLU A 247 -11.11 -11.49 -3.17
CA GLU A 247 -12.15 -11.37 -2.17
C GLU A 247 -12.59 -9.91 -2.07
N THR A 248 -13.90 -9.70 -1.97
CA THR A 248 -14.43 -8.36 -1.83
C THR A 248 -14.86 -8.16 -0.38
N VAL A 249 -14.70 -6.94 0.12
CA VAL A 249 -15.08 -6.61 1.48
C VAL A 249 -15.72 -5.23 1.44
N ASP A 250 -16.78 -5.04 2.23
CA ASP A 250 -17.45 -3.75 2.24
C ASP A 250 -16.78 -2.80 3.24
N SER A 251 -16.98 -1.50 3.03
CA SER A 251 -16.37 -0.49 3.89
C SER A 251 -16.74 -0.58 5.39
N ASP A 252 -18.02 -0.82 5.68
CA ASP A 252 -18.45 -0.93 7.08
C ASP A 252 -17.75 -2.08 7.81
N THR A 253 -17.68 -3.23 7.15
CA THR A 253 -17.03 -4.39 7.75
C THR A 253 -15.52 -4.16 7.90
N ALA A 254 -14.91 -3.50 6.92
CA ALA A 254 -13.48 -3.23 6.99
C ALA A 254 -13.25 -2.35 8.22
N LEU A 255 -14.14 -1.39 8.42
CA LEU A 255 -14.04 -0.48 9.56
C LEU A 255 -14.23 -1.22 10.90
N ALA A 256 -15.26 -2.06 10.97
CA ALA A 256 -15.52 -2.79 12.19
C ALA A 256 -14.37 -3.74 12.50
N THR A 257 -13.76 -4.31 11.47
CA THR A 257 -12.66 -5.24 11.66
C THR A 257 -11.42 -4.53 12.18
N ALA A 258 -11.13 -3.34 11.66
CA ALA A 258 -9.98 -2.58 12.12
C ALA A 258 -10.20 -2.21 13.60
N ARG A 259 -11.44 -1.86 13.95
CA ARG A 259 -11.72 -1.51 15.33
C ARG A 259 -11.54 -2.70 16.24
N ARG A 260 -11.89 -3.90 15.77
CA ARG A 260 -11.73 -5.11 16.58
C ARG A 260 -10.25 -5.43 16.76
N LEU A 261 -9.45 -5.17 15.73
CA LEU A 261 -8.00 -5.45 15.83
C LEU A 261 -7.45 -4.60 16.98
N MET A 262 -7.93 -3.37 17.08
CA MET A 262 -7.46 -2.48 18.12
C MET A 262 -7.94 -2.92 19.49
N ALA A 263 -9.25 -3.10 19.65
CA ALA A 263 -9.80 -3.47 20.95
C ALA A 263 -9.60 -4.91 21.43
N GLU A 264 -9.53 -5.87 20.51
CA GLU A 264 -9.38 -7.26 20.89
C GLU A 264 -7.98 -7.86 20.72
N GLU A 265 -7.13 -7.25 19.88
CA GLU A 265 -5.79 -7.78 19.68
C GLU A 265 -4.71 -6.78 20.09
N GLY A 266 -5.11 -5.52 20.31
CA GLY A 266 -4.15 -4.50 20.68
C GLY A 266 -3.27 -4.16 19.50
N ILE A 267 -3.83 -4.23 18.30
CA ILE A 267 -3.10 -3.91 17.07
C ILE A 267 -3.75 -2.66 16.46
N LEU A 268 -2.97 -1.60 16.27
CA LEU A 268 -3.47 -0.33 15.75
C LEU A 268 -3.25 -0.23 14.24
N ALA A 269 -4.26 -0.63 13.48
CA ALA A 269 -4.14 -0.62 12.03
C ALA A 269 -5.22 0.20 11.32
N GLY A 270 -4.95 0.50 10.05
CA GLY A 270 -5.87 1.31 9.26
C GLY A 270 -7.07 0.55 8.71
N ILE A 271 -8.00 1.27 8.12
CA ILE A 271 -9.20 0.64 7.58
C ILE A 271 -8.89 -0.44 6.55
N SER A 272 -7.90 -0.23 5.69
CA SER A 272 -7.57 -1.25 4.70
C SER A 272 -7.01 -2.52 5.35
N SER A 273 -6.42 -2.39 6.55
CA SER A 273 -5.89 -3.54 7.28
C SER A 273 -7.11 -4.34 7.73
N GLY A 274 -8.16 -3.62 8.11
CA GLY A 274 -9.38 -4.29 8.52
C GLY A 274 -9.98 -5.03 7.35
N ALA A 275 -9.90 -4.45 6.15
CA ALA A 275 -10.45 -5.08 4.97
C ALA A 275 -9.70 -6.38 4.70
N ALA A 276 -8.38 -6.34 4.76
CA ALA A 276 -7.57 -7.53 4.51
C ALA A 276 -7.84 -8.64 5.53
N VAL A 277 -7.93 -8.27 6.80
CA VAL A 277 -8.19 -9.27 7.85
C VAL A 277 -9.61 -9.83 7.69
N ALA A 278 -10.56 -9.00 7.33
CA ALA A 278 -11.93 -9.49 7.14
C ALA A 278 -11.96 -10.55 6.04
N ALA A 279 -11.22 -10.31 4.97
CA ALA A 279 -11.15 -11.25 3.84
C ALA A 279 -10.43 -12.52 4.27
N ALA A 280 -9.35 -12.35 5.02
CA ALA A 280 -8.57 -13.48 5.48
C ALA A 280 -9.37 -14.34 6.47
N ASP A 281 -10.15 -13.69 7.33
CA ASP A 281 -10.93 -14.40 8.34
C ASP A 281 -12.00 -15.25 7.65
N ARG A 282 -12.55 -14.73 6.56
CA ARG A 282 -13.57 -15.45 5.83
C ARG A 282 -12.96 -16.74 5.26
N LEU A 283 -11.76 -16.65 4.70
CA LEU A 283 -11.13 -17.84 4.14
C LEU A 283 -10.66 -18.78 5.25
N ALA A 284 -10.18 -18.19 6.34
CA ALA A 284 -9.65 -18.98 7.45
C ALA A 284 -10.69 -19.85 8.14
N LYS A 285 -11.97 -19.52 7.95
CA LYS A 285 -13.02 -20.29 8.58
C LYS A 285 -13.71 -21.26 7.63
N LEU A 286 -13.09 -21.46 6.48
CA LEU A 286 -13.57 -22.45 5.52
C LEU A 286 -12.76 -23.69 5.82
N PRO A 287 -13.41 -24.86 5.87
CA PRO A 287 -12.67 -26.09 6.15
C PRO A 287 -11.44 -26.31 5.26
N GLU A 288 -11.54 -25.90 4.00
CA GLU A 288 -10.41 -26.10 3.10
C GLU A 288 -9.13 -25.35 3.54
N PHE A 289 -9.27 -24.31 4.35
CA PHE A 289 -8.09 -23.56 4.79
C PHE A 289 -7.74 -23.83 6.26
N ALA A 290 -8.32 -24.88 6.83
CA ALA A 290 -8.09 -25.21 8.24
C ALA A 290 -6.65 -25.49 8.62
N ASP A 291 -5.96 -26.25 7.80
CA ASP A 291 -4.58 -26.56 8.13
C ASP A 291 -3.56 -25.66 7.42
N LYS A 292 -4.05 -24.56 6.84
CA LYS A 292 -3.19 -23.63 6.11
C LYS A 292 -2.80 -22.36 6.89
N LEU A 293 -1.55 -21.93 6.74
CA LEU A 293 -1.08 -20.71 7.39
C LEU A 293 -1.36 -19.53 6.47
N ILE A 294 -2.22 -18.62 6.92
CA ILE A 294 -2.62 -17.44 6.15
C ILE A 294 -1.92 -16.19 6.68
N VAL A 295 -1.14 -15.55 5.84
CA VAL A 295 -0.43 -14.32 6.21
C VAL A 295 -1.14 -13.15 5.57
N VAL A 296 -1.53 -12.18 6.40
CA VAL A 296 -2.27 -11.02 5.96
C VAL A 296 -1.48 -9.72 6.12
N ILE A 297 -1.37 -8.96 5.03
CA ILE A 297 -0.64 -7.69 5.09
C ILE A 297 -1.56 -6.61 5.69
N LEU A 298 -1.07 -5.92 6.73
CA LEU A 298 -1.81 -4.79 7.32
C LEU A 298 -0.96 -3.65 6.77
N PRO A 299 -1.46 -2.96 5.74
CA PRO A 299 -0.71 -1.87 5.11
C PRO A 299 -0.28 -0.64 5.91
N SER A 300 -1.07 -0.25 6.89
CA SER A 300 -0.74 0.96 7.64
C SER A 300 -1.26 0.92 9.06
N ALA A 301 -0.72 1.81 9.87
CA ALA A 301 -1.11 1.91 11.27
C ALA A 301 -2.03 3.10 11.41
N SER A 302 -2.73 3.14 12.53
CA SER A 302 -3.56 4.28 12.79
C SER A 302 -3.11 4.70 14.18
N GLU A 303 -2.93 6.00 14.33
CA GLU A 303 -2.51 6.53 15.60
C GLU A 303 -3.76 6.96 16.38
N ARG A 304 -4.90 6.83 15.71
CA ARG A 304 -6.19 7.20 16.27
C ARG A 304 -7.24 6.11 16.16
N TYR A 305 -8.28 6.22 16.98
CA TYR A 305 -9.38 5.27 16.93
C TYR A 305 -10.04 5.67 15.60
N LEU A 306 -10.54 4.69 14.85
CA LEU A 306 -11.18 5.00 13.58
C LEU A 306 -12.62 5.41 13.83
N SER A 307 -12.82 6.69 14.04
CA SER A 307 -14.14 7.24 14.29
C SER A 307 -14.92 7.34 12.98
N THR A 308 -16.23 7.59 13.11
CA THR A 308 -17.07 7.75 11.95
C THR A 308 -16.55 8.95 11.15
N ALA A 309 -16.18 10.05 11.83
CA ALA A 309 -15.64 11.24 11.16
C ALA A 309 -14.46 10.77 10.33
N LEU A 310 -13.62 9.93 10.89
CA LEU A 310 -12.48 9.48 10.08
C LEU A 310 -12.71 8.67 8.72
N PHE A 311 -13.84 7.87 8.73
CA PHE A 311 -14.10 6.77 7.73
C PHE A 311 -14.59 6.96 6.26
N ASN B 7 -9.88 8.11 -5.21
CA ASN B 7 -9.26 6.89 -4.70
C ASN B 7 -7.91 6.61 -5.43
N LEU B 8 -7.25 7.45 -5.99
CA LEU B 8 -5.97 7.52 -6.71
C LEU B 8 -4.93 8.17 -5.80
N ASN B 9 -5.48 8.72 -4.70
CA ASN B 9 -4.65 9.38 -3.69
C ASN B 9 -4.12 8.35 -2.75
N ILE B 10 -3.48 7.43 -3.36
CA ILE B 10 -2.88 6.39 -2.62
C ILE B 10 -1.43 6.71 -2.29
#